data_3IX7
#
_entry.id   3IX7
#
_cell.length_a   110.152
_cell.length_b   110.152
_cell.length_c   39.205
_cell.angle_alpha   90.00
_cell.angle_beta   90.00
_cell.angle_gamma   120.00
#
_symmetry.space_group_name_H-M   'P 61'
#
loop_
_entity.id
_entity.type
_entity.pdbx_description
1 polymer 'Uncharacterized protein TTHA0540'
2 non-polymer 'ACETIC ACID'
3 water water
#
_entity_poly.entity_id   1
_entity_poly.type   'polypeptide(L)'
_entity_poly.pdbx_seq_one_letter_code
;SNAPRGGKVLDTSVLVDGRVAEVAAVGFLEGPLWVPHFVLKELQHFADSQDPLRRAKGRRGLETLERLREAAPLEVLETT
PKGESVDEKLLFLARDLEAALVTNDHALLQ(MSE)ARIYGVKALSIQALAQALRPQLQ
;
_entity_poly.pdbx_strand_id   A,B
#
loop_
_chem_comp.id
_chem_comp.type
_chem_comp.name
_chem_comp.formula
ACY non-polymer 'ACETIC ACID' 'C2 H4 O2'
#
# COMPACT_ATOMS: atom_id res chain seq x y z
N ALA A 3 0.13 -1.90 12.27
CA ALA A 3 -0.62 -3.10 12.76
C ALA A 3 -2.16 -3.16 12.49
N PRO A 4 -2.86 -1.99 12.39
CA PRO A 4 -4.34 -1.97 12.21
C PRO A 4 -4.90 -2.79 11.05
N ARG A 5 -5.79 -3.73 11.38
CA ARG A 5 -6.42 -4.61 10.38
C ARG A 5 -7.84 -4.16 9.99
N GLY A 6 -8.25 -2.97 10.42
CA GLY A 6 -9.62 -2.48 10.23
C GLY A 6 -9.87 -1.56 9.04
N GLY A 7 -8.91 -1.44 8.13
CA GLY A 7 -9.09 -0.64 6.93
C GLY A 7 -8.46 0.73 6.99
N LYS A 8 -9.05 1.70 6.26
N LYS A 8 -8.99 1.66 6.20
CA LYS A 8 -8.42 3.00 5.94
CA LYS A 8 -8.48 3.01 6.15
C LYS A 8 -9.38 4.20 5.89
C LYS A 8 -9.61 4.00 6.20
N VAL A 9 -9.32 5.10 6.88
CA VAL A 9 -10.21 6.24 6.95
C VAL A 9 -9.53 7.35 6.13
N LEU A 10 -10.31 7.93 5.19
CA LEU A 10 -9.80 8.90 4.22
C LEU A 10 -10.38 10.25 4.58
N ASP A 11 -9.55 11.29 4.66
CA ASP A 11 -10.04 12.60 4.98
C ASP A 11 -10.28 13.40 3.70
N THR A 12 -10.66 14.67 3.84
CA THR A 12 -10.85 15.54 2.71
C THR A 12 -9.61 15.77 1.91
N SER A 13 -8.50 16.10 2.57
CA SER A 13 -7.25 16.45 1.85
C SER A 13 -6.71 15.32 0.96
N VAL A 14 -6.80 14.09 1.45
CA VAL A 14 -6.33 12.97 0.63
C VAL A 14 -7.16 12.77 -0.66
N LEU A 15 -8.47 13.00 -0.55
CA LEU A 15 -9.38 12.93 -1.71
C LEU A 15 -9.11 14.02 -2.73
N VAL A 16 -8.90 15.25 -2.25
CA VAL A 16 -8.60 16.39 -3.12
C VAL A 16 -7.24 16.26 -3.80
N ASP A 17 -6.29 15.66 -3.10
CA ASP A 17 -4.97 15.39 -3.67
C ASP A 17 -5.09 14.41 -4.86
N GLY A 18 -5.98 13.41 -4.73
CA GLY A 18 -6.27 12.50 -5.86
C GLY A 18 -5.37 11.27 -6.06
N ARG A 19 -4.06 11.40 -5.81
CA ARG A 19 -3.14 10.26 -6.00
C ARG A 19 -3.50 8.97 -5.30
N VAL A 20 -4.19 9.04 -4.15
CA VAL A 20 -4.65 7.83 -3.47
C VAL A 20 -5.49 6.96 -4.41
N ALA A 21 -6.11 7.59 -5.42
CA ALA A 21 -6.87 6.84 -6.44
C ALA A 21 -5.88 6.07 -7.32
N GLU A 22 -4.78 6.70 -7.76
CA GLU A 22 -3.73 5.98 -8.47
C GLU A 22 -3.21 4.77 -7.66
N VAL A 23 -3.02 4.96 -6.34
CA VAL A 23 -2.42 3.94 -5.48
C VAL A 23 -3.33 2.70 -5.35
N ALA A 24 -4.61 2.96 -5.13
CA ALA A 24 -5.59 1.90 -5.01
C ALA A 24 -5.73 1.10 -6.31
N ALA A 25 -5.64 1.77 -7.46
CA ALA A 25 -5.90 1.13 -8.74
C ALA A 25 -4.71 0.29 -9.18
N VAL A 26 -3.62 0.28 -8.40
CA VAL A 26 -2.48 -0.58 -8.69
C VAL A 26 -2.26 -1.57 -7.56
N GLY A 27 -3.15 -1.51 -6.56
CA GLY A 27 -3.28 -2.57 -5.56
C GLY A 27 -2.70 -2.32 -4.18
N PHE A 28 -2.28 -1.09 -3.89
CA PHE A 28 -1.50 -0.82 -2.67
C PHE A 28 -2.30 0.01 -1.67
N LEU A 29 -3.62 0.00 -1.80
CA LEU A 29 -4.46 0.61 -0.78
C LEU A 29 -5.52 -0.38 -0.36
N GLU A 30 -5.17 -1.24 0.58
CA GLU A 30 -6.05 -2.33 0.95
C GLU A 30 -7.15 -1.83 1.87
N GLY A 31 -8.38 -2.30 1.63
CA GLY A 31 -9.58 -1.77 2.29
C GLY A 31 -9.79 -2.52 3.58
N PRO A 32 -11.00 -2.44 4.14
CA PRO A 32 -12.12 -1.59 3.68
C PRO A 32 -11.77 -0.11 3.79
N LEU A 33 -12.39 0.70 2.93
CA LEU A 33 -12.20 2.14 2.94
C LEU A 33 -13.40 2.84 3.58
N TRP A 34 -13.13 3.83 4.42
CA TRP A 34 -14.18 4.50 5.13
C TRP A 34 -14.07 5.96 4.87
N VAL A 35 -15.20 6.57 4.58
CA VAL A 35 -15.23 8.00 4.37
C VAL A 35 -16.30 8.49 5.30
N PRO A 36 -15.93 9.43 6.21
CA PRO A 36 -16.91 10.00 7.09
C PRO A 36 -17.87 10.89 6.30
N HIS A 37 -19.16 10.85 6.67
CA HIS A 37 -20.19 11.78 6.13
C HIS A 37 -19.76 13.24 6.03
N PHE A 38 -19.10 13.78 7.08
CA PHE A 38 -18.63 15.17 7.04
C PHE A 38 -17.59 15.42 5.95
N VAL A 39 -16.85 14.38 5.56
CA VAL A 39 -15.86 14.54 4.47
C VAL A 39 -16.59 14.64 3.13
N LEU A 40 -17.54 13.73 2.92
CA LEU A 40 -18.41 13.80 1.74
C LEU A 40 -19.22 15.11 1.69
N LYS A 41 -19.83 15.52 2.81
CA LYS A 41 -20.53 16.82 2.92
C LYS A 41 -19.63 17.99 2.52
N GLU A 42 -18.37 17.97 2.99
CA GLU A 42 -17.42 19.03 2.69
C GLU A 42 -17.00 19.11 1.20
N LEU A 43 -16.86 17.96 0.57
CA LEU A 43 -16.54 17.94 -0.83
C LEU A 43 -17.72 18.52 -1.64
N GLN A 44 -18.94 18.19 -1.21
CA GLN A 44 -20.15 18.69 -1.86
C GLN A 44 -20.27 20.21 -1.73
N HIS A 45 -19.93 20.73 -0.55
N HIS A 45 -20.00 20.75 -0.55
CA HIS A 45 -19.90 22.16 -0.25
CA HIS A 45 -20.02 22.20 -0.41
C HIS A 45 -18.86 22.94 -1.06
C HIS A 45 -18.96 22.82 -1.36
N PHE A 46 -17.74 22.28 -1.37
CA PHE A 46 -16.71 22.83 -2.25
C PHE A 46 -17.23 22.94 -3.70
N ALA A 47 -17.77 21.82 -4.23
CA ALA A 47 -18.31 21.73 -5.60
C ALA A 47 -19.45 22.73 -5.84
N ASP A 48 -20.20 23.04 -4.80
CA ASP A 48 -21.32 23.96 -4.93
C ASP A 48 -20.94 25.45 -4.73
N SER A 49 -19.70 25.69 -4.36
CA SER A 49 -19.18 27.04 -4.04
C SER A 49 -19.24 27.97 -5.26
N GLN A 50 -19.34 29.28 -5.01
CA GLN A 50 -19.26 30.35 -6.04
C GLN A 50 -17.89 30.48 -6.69
N ASP A 51 -16.88 30.06 -5.95
CA ASP A 51 -15.48 30.29 -6.25
C ASP A 51 -14.96 29.12 -7.06
N PRO A 52 -14.51 29.38 -8.32
CA PRO A 52 -14.15 28.33 -9.28
C PRO A 52 -13.08 27.37 -8.74
N LEU A 53 -12.23 27.86 -7.84
CA LEU A 53 -11.14 27.03 -7.32
C LEU A 53 -11.60 26.09 -6.19
N ARG A 54 -12.53 26.55 -5.37
CA ARG A 54 -13.19 25.66 -4.44
C ARG A 54 -13.95 24.58 -5.22
N ARG A 55 -14.56 24.97 -6.34
CA ARG A 55 -15.33 24.00 -7.14
C ARG A 55 -14.43 22.91 -7.68
N ALA A 56 -13.29 23.31 -8.25
CA ALA A 56 -12.31 22.36 -8.75
C ALA A 56 -11.81 21.36 -7.69
N LYS A 57 -11.51 21.82 -6.47
CA LYS A 57 -11.10 20.90 -5.36
C LYS A 57 -12.22 19.91 -5.05
N GLY A 58 -13.44 20.43 -4.98
CA GLY A 58 -14.64 19.63 -4.69
C GLY A 58 -14.83 18.55 -5.72
N ARG A 59 -14.78 18.94 -6.99
CA ARG A 59 -14.91 18.02 -8.10
C ARG A 59 -13.79 16.98 -8.04
N ARG A 60 -12.56 17.44 -7.84
CA ARG A 60 -11.45 16.51 -7.85
C ARG A 60 -11.63 15.46 -6.74
N GLY A 61 -12.00 15.87 -5.52
CA GLY A 61 -12.22 14.91 -4.43
C GLY A 61 -13.39 13.98 -4.70
N LEU A 62 -14.50 14.53 -5.20
CA LEU A 62 -15.64 13.67 -5.62
C LEU A 62 -15.23 12.68 -6.70
N GLU A 63 -14.43 13.15 -7.65
CA GLU A 63 -13.93 12.31 -8.74
C GLU A 63 -13.08 11.16 -8.15
N THR A 64 -12.22 11.51 -7.20
CA THR A 64 -11.33 10.53 -6.52
C THR A 64 -12.15 9.49 -5.77
N LEU A 65 -13.20 9.94 -5.12
CA LEU A 65 -14.04 9.04 -4.35
C LEU A 65 -14.69 7.97 -5.27
N GLU A 66 -15.19 8.39 -6.42
CA GLU A 66 -15.76 7.45 -7.38
C GLU A 66 -14.74 6.42 -7.86
N ARG A 67 -13.51 6.85 -8.14
CA ARG A 67 -12.46 5.91 -8.58
C ARG A 67 -12.09 4.90 -7.51
N LEU A 68 -12.10 5.32 -6.25
CA LEU A 68 -11.83 4.41 -5.13
C LEU A 68 -12.90 3.37 -4.97
N ARG A 69 -14.16 3.80 -5.07
CA ARG A 69 -15.32 2.92 -5.06
C ARG A 69 -15.23 1.84 -6.13
N GLU A 70 -14.35 2.04 -7.13
CA GLU A 70 -14.13 1.08 -8.20
C GLU A 70 -13.00 0.13 -7.82
N ALA A 71 -11.96 0.66 -7.19
CA ALA A 71 -10.77 -0.09 -6.81
C ALA A 71 -10.98 -1.02 -5.61
N ALA A 72 -11.93 -0.67 -4.73
CA ALA A 72 -12.23 -1.48 -3.53
C ALA A 72 -13.59 -1.17 -2.86
N PRO A 73 -13.98 -1.93 -1.80
CA PRO A 73 -15.23 -1.63 -1.11
C PRO A 73 -15.08 -0.41 -0.22
N LEU A 74 -16.01 0.53 -0.38
CA LEU A 74 -15.97 1.83 0.27
C LEU A 74 -17.32 2.18 0.87
N GLU A 75 -17.30 2.52 2.16
CA GLU A 75 -18.53 2.90 2.85
C GLU A 75 -18.40 4.30 3.45
N VAL A 76 -19.43 5.11 3.25
CA VAL A 76 -19.56 6.39 3.94
C VAL A 76 -20.16 6.13 5.33
N LEU A 77 -19.50 6.60 6.38
CA LEU A 77 -19.99 6.40 7.76
C LEU A 77 -20.65 7.66 8.24
N GLU A 78 -21.95 7.54 8.51
CA GLU A 78 -22.86 8.68 8.49
C GLU A 78 -23.26 9.21 9.86
N THR A 79 -22.37 9.03 10.82
CA THR A 79 -22.50 9.62 12.15
C THR A 79 -21.20 9.39 12.86
N THR A 80 -20.66 10.47 13.44
CA THR A 80 -19.54 10.40 14.38
C THR A 80 -20.00 11.12 15.65
N PRO A 81 -19.71 10.54 16.84
CA PRO A 81 -19.89 11.37 18.06
C PRO A 81 -18.59 11.69 18.82
N LYS A 82 -17.54 10.90 18.59
CA LYS A 82 -16.26 11.10 19.30
C LYS A 82 -15.44 12.27 18.72
N GLY A 83 -15.19 13.28 19.55
CA GLY A 83 -14.31 14.38 19.19
C GLY A 83 -15.04 15.68 18.96
N GLU A 84 -14.29 16.77 19.11
CA GLU A 84 -14.85 18.10 18.91
C GLU A 84 -14.46 18.68 17.54
N SER A 85 -13.17 18.71 17.21
CA SER A 85 -12.77 19.25 15.93
C SER A 85 -12.85 18.18 14.81
N VAL A 86 -12.69 18.59 13.55
CA VAL A 86 -12.59 17.63 12.43
C VAL A 86 -11.43 16.65 12.69
N ASP A 87 -10.27 17.18 13.06
CA ASP A 87 -9.08 16.37 13.40
C ASP A 87 -9.39 15.23 14.38
N GLU A 88 -9.96 15.62 15.50
CA GLU A 88 -10.33 14.67 16.57
C GLU A 88 -11.32 13.67 16.08
N LYS A 89 -12.30 14.11 15.28
CA LYS A 89 -13.35 13.22 14.76
C LYS A 89 -12.73 12.14 13.90
N LEU A 90 -11.74 12.52 13.10
CA LEU A 90 -11.07 11.62 12.18
C LEU A 90 -10.18 10.64 12.93
N LEU A 91 -9.45 11.17 13.93
CA LEU A 91 -8.61 10.37 14.82
C LEU A 91 -9.35 9.34 15.67
N PHE A 92 -10.39 9.76 16.38
CA PHE A 92 -11.18 8.85 17.16
C PHE A 92 -11.93 7.83 16.30
N LEU A 93 -12.35 8.22 15.10
CA LEU A 93 -13.04 7.30 14.25
C LEU A 93 -12.06 6.20 13.81
N ALA A 94 -10.88 6.59 13.35
CA ALA A 94 -9.88 5.63 12.93
C ALA A 94 -9.52 4.66 14.10
N ARG A 95 -9.43 5.18 15.32
CA ARG A 95 -9.16 4.36 16.52
C ARG A 95 -10.27 3.36 16.80
N ASP A 96 -11.50 3.86 16.72
N ASP A 96 -11.51 3.82 16.73
CA ASP A 96 -12.72 3.07 16.95
CA ASP A 96 -12.65 2.94 17.00
C ASP A 96 -12.83 1.89 15.97
C ASP A 96 -12.77 1.82 15.97
N LEU A 97 -12.46 2.14 14.72
CA LEU A 97 -12.49 1.14 13.65
C LEU A 97 -11.21 0.31 13.60
N GLU A 98 -10.24 0.62 14.46
CA GLU A 98 -8.91 0.05 14.30
C GLU A 98 -8.48 0.14 12.84
N ALA A 99 -8.68 1.31 12.27
CA ALA A 99 -8.20 1.56 10.92
C ALA A 99 -7.01 2.51 10.97
N ALA A 100 -6.30 2.66 9.85
CA ALA A 100 -5.26 3.69 9.76
C ALA A 100 -5.94 4.91 9.16
N LEU A 101 -5.54 6.12 9.55
CA LEU A 101 -5.98 7.34 8.87
C LEU A 101 -5.13 7.59 7.61
N VAL A 102 -5.73 7.95 6.48
CA VAL A 102 -4.92 8.29 5.30
C VAL A 102 -5.15 9.75 4.97
N THR A 103 -4.09 10.56 4.93
CA THR A 103 -4.27 12.00 4.83
C THR A 103 -3.14 12.62 4.05
N ASN A 104 -3.40 13.81 3.50
N ASN A 104 -3.37 13.79 3.48
CA ASN A 104 -2.37 14.64 2.88
CA ASN A 104 -2.27 14.56 2.93
C ASN A 104 -1.88 15.74 3.84
C ASN A 104 -2.18 15.90 3.70
N ASP A 105 -2.55 15.86 4.98
CA ASP A 105 -2.45 16.99 5.86
C ASP A 105 -1.32 16.68 6.87
N HIS A 106 -0.20 17.39 6.68
N HIS A 106 -0.18 17.34 6.71
CA HIS A 106 1.04 17.18 7.44
CA HIS A 106 1.00 16.96 7.49
C HIS A 106 0.77 17.25 8.95
C HIS A 106 0.88 17.31 8.99
N ALA A 107 0.04 18.28 9.34
CA ALA A 107 -0.22 18.56 10.73
C ALA A 107 -1.10 17.49 11.38
N LEU A 108 -2.11 17.05 10.65
CA LEU A 108 -2.92 15.92 11.13
C LEU A 108 -2.04 14.65 11.31
N LEU A 109 -1.06 14.46 10.46
CA LEU A 109 -0.18 13.28 10.61
C LEU A 109 0.54 13.31 11.97
N GLN A 110 0.92 14.52 12.39
CA GLN A 110 1.61 14.72 13.66
C GLN A 110 0.64 14.51 14.82
N MSE A 111 -0.60 14.99 14.65
N MSE A 111 -0.61 14.97 14.69
CA MSE A 111 -1.67 14.82 15.64
CA MSE A 111 -1.60 14.75 15.74
C MSE A 111 -1.99 13.34 15.91
C MSE A 111 -1.94 13.29 15.94
O MSE A 111 -2.23 12.97 17.06
O MSE A 111 -2.16 12.86 17.06
CB MSE A 111 -2.93 15.52 15.15
CB MSE A 111 -2.88 15.46 15.41
CG MSE A 111 -2.84 17.02 15.17
CG MSE A 111 -2.87 16.85 15.80
SE MSE A 111 -3.14 17.59 17.01
SE MSE A 111 -4.58 17.49 15.33
CE MSE A 111 -5.08 17.21 16.90
CE MSE A 111 -5.65 16.64 16.70
N ALA A 112 -2.07 12.54 14.84
CA ALA A 112 -2.23 11.09 14.94
C ALA A 112 -1.10 10.43 15.79
N ARG A 113 0.14 10.85 15.57
CA ARG A 113 1.28 10.44 16.42
C ARG A 113 0.99 10.73 17.91
N ILE A 114 0.50 11.95 18.21
CA ILE A 114 0.18 12.38 19.57
C ILE A 114 -0.97 11.57 20.21
N TYR A 115 -1.98 11.23 19.39
CA TYR A 115 -3.12 10.46 19.83
C TYR A 115 -2.85 8.97 19.78
N GLY A 116 -1.67 8.57 19.28
CA GLY A 116 -1.37 7.12 19.12
C GLY A 116 -2.18 6.42 18.05
N VAL A 117 -2.56 7.14 16.99
CA VAL A 117 -3.34 6.57 15.86
C VAL A 117 -2.47 6.39 14.64
N LYS A 118 -2.54 5.22 14.00
CA LYS A 118 -1.76 4.99 12.80
C LYS A 118 -2.26 5.86 11.66
N ALA A 119 -1.34 6.46 10.93
CA ALA A 119 -1.71 7.39 9.90
C ALA A 119 -0.76 7.20 8.75
N LEU A 120 -1.30 7.34 7.54
CA LEU A 120 -0.53 7.09 6.33
C LEU A 120 -0.52 8.34 5.48
N SER A 121 0.64 8.62 4.89
CA SER A 121 0.83 9.80 4.06
C SER A 121 1.12 9.40 2.62
N ILE A 122 0.32 9.90 1.67
CA ILE A 122 0.62 9.69 0.27
C ILE A 122 1.97 10.30 -0.13
N GLN A 123 2.30 11.42 0.50
CA GLN A 123 3.56 12.13 0.20
C GLN A 123 4.79 11.35 0.70
N ALA A 124 4.67 10.68 1.85
CA ALA A 124 5.73 9.78 2.32
C ALA A 124 5.78 8.57 1.42
N LEU A 125 4.63 8.09 0.94
CA LEU A 125 4.71 7.00 -0.03
C LEU A 125 5.50 7.40 -1.30
N ALA A 126 5.20 8.57 -1.87
CA ALA A 126 5.89 9.04 -3.09
C ALA A 126 7.41 9.14 -2.91
N GLN A 127 7.83 9.46 -1.68
CA GLN A 127 9.24 9.56 -1.33
C GLN A 127 9.90 8.18 -1.22
N ALA A 128 9.21 7.23 -0.61
CA ALA A 128 9.67 5.85 -0.57
C ALA A 128 9.95 5.26 -1.96
N LEU A 129 9.38 5.88 -2.99
CA LEU A 129 9.43 5.31 -4.33
C LEU A 129 10.54 5.89 -5.22
N ARG A 130 11.36 6.75 -4.62
CA ARG A 130 12.65 7.13 -5.18
C ARG A 130 13.52 5.88 -5.39
N PRO A 131 13.91 5.59 -6.67
CA PRO A 131 14.82 4.45 -6.97
C PRO A 131 16.11 4.48 -6.15
N GLN A 132 16.54 3.32 -5.64
CA GLN A 132 17.75 3.22 -4.80
C GLN A 132 18.94 2.50 -5.52
N LEU A 133 20.02 2.21 -4.78
CA LEU A 133 21.19 1.45 -5.31
C LEU A 133 22.03 2.26 -6.30
N ASN B 2 -11.94 -11.40 -5.89
CA ASN B 2 -10.83 -11.89 -5.02
C ASN B 2 -9.91 -10.75 -4.54
N ALA B 3 -10.10 -10.33 -3.28
CA ALA B 3 -9.29 -9.27 -2.66
C ALA B 3 -8.55 -9.78 -1.41
N PRO B 4 -7.31 -10.29 -1.59
CA PRO B 4 -6.56 -11.11 -0.60
C PRO B 4 -6.07 -10.40 0.67
N ARG B 5 -6.49 -10.90 1.83
CA ARG B 5 -6.05 -10.35 3.11
C ARG B 5 -4.94 -11.21 3.73
N GLY B 6 -4.48 -12.20 2.97
CA GLY B 6 -3.49 -13.17 3.46
C GLY B 6 -2.05 -12.70 3.33
N GLY B 7 -1.88 -11.42 3.04
CA GLY B 7 -0.54 -10.84 2.98
C GLY B 7 0.06 -10.85 1.59
N LYS B 8 1.36 -11.11 1.54
CA LYS B 8 2.17 -10.81 0.35
C LYS B 8 3.25 -11.84 0.17
N VAL B 9 3.36 -12.36 -1.05
CA VAL B 9 4.49 -13.24 -1.37
C VAL B 9 5.47 -12.45 -2.24
N LEU B 10 6.70 -12.31 -1.76
CA LEU B 10 7.74 -11.48 -2.41
C LEU B 10 8.67 -12.29 -3.30
N ASP B 11 8.98 -11.76 -4.49
CA ASP B 11 9.95 -12.44 -5.36
C ASP B 11 11.30 -11.72 -5.29
N THR B 12 12.27 -12.29 -6.01
CA THR B 12 13.61 -11.75 -6.08
C THR B 12 13.70 -10.33 -6.61
N SER B 13 13.01 -10.05 -7.74
CA SER B 13 13.07 -8.75 -8.37
C SER B 13 12.74 -7.58 -7.43
N VAL B 14 11.71 -7.76 -6.59
N VAL B 14 11.70 -7.68 -6.60
CA VAL B 14 11.27 -6.66 -5.71
CA VAL B 14 11.37 -6.53 -5.73
C VAL B 14 12.23 -6.43 -4.53
C VAL B 14 12.32 -6.39 -4.55
N LEU B 15 12.85 -7.51 -4.08
CA LEU B 15 13.83 -7.49 -2.98
C LEU B 15 15.11 -6.87 -3.54
N VAL B 16 15.46 -7.22 -4.79
CA VAL B 16 16.63 -6.58 -5.42
C VAL B 16 16.45 -5.09 -5.67
N ASP B 17 15.27 -4.72 -6.15
CA ASP B 17 14.83 -3.32 -6.31
C ASP B 17 14.94 -2.53 -4.96
N GLY B 18 14.60 -3.19 -3.85
CA GLY B 18 14.82 -2.56 -2.55
C GLY B 18 13.74 -1.66 -2.02
N ARG B 19 12.99 -1.02 -2.91
CA ARG B 19 11.98 -0.02 -2.48
C ARG B 19 10.77 -0.58 -1.69
N VAL B 20 10.48 -1.86 -1.89
CA VAL B 20 9.40 -2.51 -1.16
C VAL B 20 9.56 -2.31 0.35
N ALA B 21 10.80 -2.18 0.79
CA ALA B 21 11.12 -2.03 2.20
C ALA B 21 10.65 -0.69 2.73
N GLU B 22 10.91 0.38 2.02
CA GLU B 22 10.40 1.70 2.37
C GLU B 22 8.86 1.81 2.25
N VAL B 23 8.25 1.14 1.25
CA VAL B 23 6.80 1.14 1.08
C VAL B 23 6.13 0.48 2.32
N ALA B 24 6.62 -0.68 2.73
CA ALA B 24 6.18 -1.31 4.00
C ALA B 24 6.26 -0.39 5.22
N ALA B 25 7.41 0.25 5.38
CA ALA B 25 7.69 1.05 6.59
C ALA B 25 6.75 2.23 6.65
N VAL B 26 6.31 2.67 5.47
CA VAL B 26 5.48 3.81 5.40
C VAL B 26 4.00 3.40 5.52
N GLY B 27 3.75 2.08 5.57
CA GLY B 27 2.44 1.51 5.94
C GLY B 27 1.55 0.98 4.81
N PHE B 28 2.09 0.96 3.60
CA PHE B 28 1.32 0.59 2.40
C PHE B 28 1.65 -0.81 1.89
N LEU B 29 2.13 -1.68 2.77
CA LEU B 29 2.37 -3.07 2.39
C LEU B 29 1.98 -3.95 3.54
N GLU B 30 0.70 -4.24 3.61
CA GLU B 30 0.21 -5.01 4.74
C GLU B 30 0.59 -6.50 4.67
N GLY B 31 1.00 -7.00 5.83
CA GLY B 31 1.55 -8.35 5.98
C GLY B 31 0.42 -9.32 6.24
N PRO B 32 0.74 -10.60 6.56
CA PRO B 32 2.11 -11.10 6.71
C PRO B 32 2.92 -11.10 5.41
N LEU B 33 4.23 -10.94 5.54
CA LEU B 33 5.10 -11.06 4.37
C LEU B 33 5.78 -12.43 4.32
N TRP B 34 5.73 -13.03 3.12
CA TRP B 34 6.23 -14.39 2.92
C TRP B 34 7.28 -14.30 1.84
N VAL B 35 8.41 -14.95 2.10
CA VAL B 35 9.37 -15.15 1.04
C VAL B 35 9.64 -16.63 0.92
N PRO B 36 9.54 -17.17 -0.31
CA PRO B 36 9.89 -18.57 -0.55
C PRO B 36 11.34 -18.86 -0.22
N HIS B 37 11.63 -20.08 0.24
CA HIS B 37 12.99 -20.54 0.41
C HIS B 37 13.82 -20.34 -0.88
N PHE B 38 13.27 -20.69 -2.04
CA PHE B 38 14.02 -20.58 -3.31
C PHE B 38 14.41 -19.14 -3.71
N VAL B 39 13.62 -18.15 -3.29
CA VAL B 39 13.97 -16.77 -3.52
C VAL B 39 15.25 -16.44 -2.76
N LEU B 40 15.28 -16.86 -1.51
CA LEU B 40 16.43 -16.67 -0.67
C LEU B 40 17.59 -17.48 -1.25
N LYS B 41 17.30 -18.73 -1.62
CA LYS B 41 18.29 -19.57 -2.30
C LYS B 41 18.87 -18.84 -3.51
N GLU B 42 18.04 -18.04 -4.18
CA GLU B 42 18.50 -17.28 -5.35
C GLU B 42 19.38 -16.09 -4.95
N LEU B 43 18.95 -15.32 -3.96
CA LEU B 43 19.74 -14.17 -3.50
C LEU B 43 21.13 -14.57 -2.95
N GLN B 44 21.25 -15.73 -2.31
CA GLN B 44 22.62 -16.19 -1.93
C GLN B 44 23.42 -16.86 -3.06
N HIS B 45 22.76 -17.45 -4.06
CA HIS B 45 23.50 -17.91 -5.24
C HIS B 45 24.10 -16.70 -5.99
N PHE B 46 23.39 -15.57 -5.95
CA PHE B 46 23.89 -14.29 -6.48
C PHE B 46 24.97 -13.72 -5.55
N ALA B 47 24.73 -13.77 -4.25
CA ALA B 47 25.69 -13.23 -3.25
C ALA B 47 27.03 -13.95 -3.30
N ASP B 48 26.98 -15.25 -3.62
CA ASP B 48 28.17 -16.10 -3.76
C ASP B 48 28.94 -15.89 -5.06
N SER B 49 28.63 -14.82 -5.79
CA SER B 49 29.33 -14.54 -7.05
C SER B 49 30.62 -13.78 -6.79
N GLN B 50 31.67 -14.15 -7.53
CA GLN B 50 32.93 -13.38 -7.62
C GLN B 50 32.75 -12.11 -8.49
N ASP B 51 31.67 -12.08 -9.27
CA ASP B 51 31.29 -10.94 -10.12
C ASP B 51 30.59 -9.91 -9.24
N PRO B 52 31.17 -8.68 -9.12
CA PRO B 52 30.78 -7.73 -8.08
C PRO B 52 29.35 -7.27 -8.24
N LEU B 53 28.91 -7.20 -9.50
CA LEU B 53 27.58 -6.76 -9.91
C LEU B 53 26.49 -7.70 -9.39
N ARG B 54 26.66 -8.99 -9.64
CA ARG B 54 25.76 -10.03 -9.14
C ARG B 54 25.87 -10.20 -7.61
N ARG B 55 27.09 -10.06 -7.09
CA ARG B 55 27.33 -10.04 -5.64
C ARG B 55 26.55 -8.89 -5.00
N ALA B 56 26.65 -7.69 -5.60
CA ALA B 56 26.13 -6.52 -4.92
C ALA B 56 24.62 -6.44 -5.02
N LYS B 57 24.01 -7.36 -5.78
CA LYS B 57 22.57 -7.40 -5.90
C LYS B 57 21.93 -8.55 -5.12
N GLY B 58 22.68 -9.63 -4.90
CA GLY B 58 22.29 -10.66 -3.96
C GLY B 58 22.37 -10.05 -2.59
N ARG B 59 23.48 -9.34 -2.33
CA ARG B 59 23.70 -8.59 -1.08
C ARG B 59 22.52 -7.65 -0.85
N ARG B 60 22.07 -7.02 -1.92
CA ARG B 60 21.02 -6.02 -1.81
C ARG B 60 19.65 -6.63 -1.47
N GLY B 61 19.31 -7.74 -2.13
CA GLY B 61 18.06 -8.44 -1.83
C GLY B 61 17.94 -8.75 -0.33
N LEU B 62 19.05 -9.22 0.23
CA LEU B 62 19.12 -9.63 1.64
C LEU B 62 18.94 -8.51 2.66
N GLU B 63 19.57 -7.37 2.38
CA GLU B 63 19.41 -6.21 3.23
C GLU B 63 17.93 -5.81 3.25
N THR B 64 17.27 -5.84 2.07
CA THR B 64 15.83 -5.54 1.96
C THR B 64 14.99 -6.45 2.88
N LEU B 65 15.30 -7.73 2.88
CA LEU B 65 14.70 -8.71 3.80
C LEU B 65 14.88 -8.29 5.25
N GLU B 66 16.13 -8.10 5.66
N GLU B 66 16.13 -8.10 5.66
CA GLU B 66 16.44 -7.63 7.02
CA GLU B 66 16.46 -7.63 7.02
C GLU B 66 15.62 -6.41 7.44
C GLU B 66 15.67 -6.39 7.45
N ARG B 67 15.49 -5.45 6.53
CA ARG B 67 14.74 -4.21 6.81
C ARG B 67 13.23 -4.39 6.87
N LEU B 68 12.73 -5.36 6.11
CA LEU B 68 11.33 -5.71 6.15
C LEU B 68 10.95 -6.35 7.50
N ARG B 69 11.84 -7.21 8.01
CA ARG B 69 11.66 -7.85 9.33
C ARG B 69 11.61 -6.83 10.47
N GLU B 70 11.61 -5.55 10.11
CA GLU B 70 11.38 -4.46 11.05
C GLU B 70 9.93 -3.97 10.95
N ALA B 71 9.52 -3.54 9.76
CA ALA B 71 8.17 -3.01 9.51
C ALA B 71 7.06 -3.99 9.81
N ALA B 72 7.34 -5.28 9.63
CA ALA B 72 6.31 -6.29 9.65
C ALA B 72 6.88 -7.68 9.99
N PRO B 73 6.01 -8.59 10.51
CA PRO B 73 6.38 -10.00 10.57
C PRO B 73 6.72 -10.51 9.17
N LEU B 74 7.91 -11.04 9.02
CA LEU B 74 8.32 -11.67 7.78
C LEU B 74 8.70 -13.10 8.10
N GLU B 75 8.26 -14.03 7.25
CA GLU B 75 8.58 -15.42 7.47
C GLU B 75 8.94 -16.12 6.17
N VAL B 76 9.99 -16.94 6.25
CA VAL B 76 10.44 -17.74 5.12
C VAL B 76 9.61 -19.01 5.01
N LEU B 77 9.15 -19.28 3.80
CA LEU B 77 8.46 -20.50 3.43
C LEU B 77 9.45 -21.54 2.96
N GLU B 78 9.62 -22.59 3.77
CA GLU B 78 10.36 -23.78 3.35
C GLU B 78 9.45 -24.67 2.53
N THR B 79 8.15 -24.58 2.81
CA THR B 79 7.14 -25.51 2.29
C THR B 79 6.55 -25.10 0.94
N THR B 80 7.16 -25.56 -0.13
CA THR B 80 6.66 -25.32 -1.50
C THR B 80 6.59 -26.64 -2.29
N PRO B 81 5.36 -27.11 -2.57
CA PRO B 81 5.23 -28.41 -3.22
C PRO B 81 4.88 -28.33 -4.71
N LYS B 82 3.97 -27.44 -5.09
CA LYS B 82 3.42 -27.39 -6.45
C LYS B 82 4.23 -26.47 -7.37
N GLY B 83 4.52 -26.96 -8.59
CA GLY B 83 5.18 -26.17 -9.64
C GLY B 83 6.65 -26.48 -9.89
N GLU B 84 7.10 -26.31 -11.14
CA GLU B 84 8.49 -26.60 -11.53
C GLU B 84 9.38 -25.36 -11.69
N SER B 85 8.91 -24.36 -12.44
CA SER B 85 9.62 -23.09 -12.57
C SER B 85 9.37 -22.22 -11.35
N VAL B 86 10.24 -21.22 -11.15
CA VAL B 86 10.09 -20.22 -10.08
C VAL B 86 8.74 -19.51 -10.19
N ASP B 87 8.39 -19.03 -11.39
CA ASP B 87 7.14 -18.30 -11.58
C ASP B 87 5.91 -19.15 -11.22
N GLU B 88 5.92 -20.42 -11.61
CA GLU B 88 4.81 -21.33 -11.34
C GLU B 88 4.62 -21.60 -9.84
N LYS B 89 5.74 -21.66 -9.10
CA LYS B 89 5.69 -21.93 -7.66
C LYS B 89 5.15 -20.74 -6.87
N LEU B 90 5.54 -19.54 -7.27
CA LEU B 90 5.05 -18.31 -6.68
C LEU B 90 3.54 -18.19 -6.81
N LEU B 91 3.02 -18.57 -7.97
CA LEU B 91 1.59 -18.45 -8.26
C LEU B 91 0.72 -19.33 -7.37
N PHE B 92 1.02 -20.62 -7.31
CA PHE B 92 0.22 -21.52 -6.44
C PHE B 92 0.40 -21.18 -4.97
N LEU B 93 1.61 -20.74 -4.62
CA LEU B 93 1.91 -20.16 -3.32
C LEU B 93 0.95 -19.03 -2.95
N ALA B 94 0.77 -18.07 -3.87
CA ALA B 94 -0.12 -16.93 -3.63
C ALA B 94 -1.61 -17.32 -3.50
N ARG B 95 -2.04 -18.31 -4.29
CA ARG B 95 -3.41 -18.84 -4.20
C ARG B 95 -3.64 -19.60 -2.90
N ASP B 96 -2.63 -20.38 -2.49
CA ASP B 96 -2.70 -21.18 -1.25
C ASP B 96 -2.87 -20.34 0.00
N LEU B 97 -2.11 -19.25 0.10
CA LEU B 97 -2.18 -18.39 1.29
C LEU B 97 -3.21 -17.29 1.14
N GLU B 98 -3.83 -17.21 -0.03
CA GLU B 98 -4.66 -16.06 -0.41
C GLU B 98 -3.95 -14.74 -0.16
N ALA B 99 -2.74 -14.65 -0.71
CA ALA B 99 -1.88 -13.47 -0.58
C ALA B 99 -1.56 -12.99 -1.97
N ALA B 100 -1.23 -11.72 -2.10
CA ALA B 100 -0.90 -11.16 -3.38
C ALA B 100 0.58 -11.40 -3.65
N LEU B 101 0.94 -11.52 -4.92
CA LEU B 101 2.33 -11.52 -5.33
C LEU B 101 2.85 -10.11 -5.29
N VAL B 102 4.13 -9.94 -5.01
CA VAL B 102 4.75 -8.62 -5.11
C VAL B 102 5.98 -8.83 -5.96
N THR B 103 5.98 -8.22 -7.15
CA THR B 103 7.00 -8.52 -8.13
C THR B 103 7.08 -7.39 -9.16
N ASN B 104 8.29 -7.11 -9.66
CA ASN B 104 8.45 -6.25 -10.84
C ASN B 104 8.53 -7.03 -12.16
N ASP B 105 8.52 -8.36 -12.07
CA ASP B 105 8.83 -9.19 -13.21
C ASP B 105 7.73 -9.20 -14.30
N HIS B 106 8.05 -8.65 -15.46
CA HIS B 106 7.04 -8.59 -16.54
C HIS B 106 6.33 -9.88 -16.93
N ALA B 107 7.08 -10.97 -17.07
CA ALA B 107 6.44 -12.25 -17.43
C ALA B 107 5.56 -12.81 -16.31
N LEU B 108 6.04 -12.69 -15.06
CA LEU B 108 5.27 -13.12 -13.91
C LEU B 108 3.96 -12.30 -13.72
N LEU B 109 4.05 -11.00 -13.87
CA LEU B 109 2.84 -10.15 -13.83
C LEU B 109 1.79 -10.61 -14.90
N GLN B 110 2.26 -10.99 -16.10
CA GLN B 110 1.38 -11.54 -17.13
C GLN B 110 0.73 -12.88 -16.75
N MSE B 111 1.55 -13.84 -16.30
N MSE B 111 1.56 -13.83 -16.33
CA MSE B 111 1.04 -15.13 -15.85
CA MSE B 111 1.06 -15.13 -15.82
C MSE B 111 -0.03 -14.97 -14.75
C MSE B 111 -0.05 -14.91 -14.79
O MSE B 111 -1.07 -15.63 -14.77
O MSE B 111 -1.13 -15.51 -14.89
CB MSE B 111 2.20 -15.99 -15.34
CB MSE B 111 2.21 -15.91 -15.16
CG MSE B 111 1.95 -17.48 -15.42
CG MSE B 111 3.43 -16.08 -16.02
SE MSE B 111 1.50 -18.04 -17.23
SE MSE B 111 3.15 -17.25 -17.54
CE MSE B 111 2.30 -16.52 -18.17
CE MSE B 111 2.94 -18.92 -16.54
N ALA B 112 0.22 -14.04 -13.82
CA ALA B 112 -0.72 -13.73 -12.77
C ALA B 112 -2.07 -13.19 -13.24
N ARG B 113 -2.06 -12.26 -14.21
CA ARG B 113 -3.31 -11.80 -14.82
C ARG B 113 -4.10 -12.98 -15.42
N ILE B 114 -3.42 -13.85 -16.14
CA ILE B 114 -4.05 -15.05 -16.72
C ILE B 114 -4.59 -16.04 -15.66
N TYR B 115 -3.79 -16.32 -14.64
CA TYR B 115 -4.28 -17.09 -13.49
C TYR B 115 -5.34 -16.35 -12.65
N GLY B 116 -5.43 -15.03 -12.76
CA GLY B 116 -6.30 -14.25 -11.83
C GLY B 116 -5.79 -14.23 -10.38
N VAL B 117 -4.46 -14.14 -10.24
CA VAL B 117 -3.78 -13.90 -8.95
C VAL B 117 -3.46 -12.43 -8.85
N LYS B 118 -3.90 -11.78 -7.78
CA LYS B 118 -3.58 -10.37 -7.54
C LYS B 118 -2.05 -10.31 -7.49
N ALA B 119 -1.45 -9.35 -8.16
CA ALA B 119 0.01 -9.13 -8.12
C ALA B 119 0.33 -7.64 -8.08
N LEU B 120 1.18 -7.26 -7.14
CA LEU B 120 1.53 -5.87 -6.94
C LEU B 120 2.92 -5.58 -7.52
N SER B 121 3.00 -4.51 -8.29
CA SER B 121 4.22 -4.10 -8.93
C SER B 121 4.73 -2.82 -8.33
N ILE B 122 5.94 -2.86 -7.76
CA ILE B 122 6.60 -1.65 -7.24
C ILE B 122 6.86 -0.60 -8.35
N GLN B 123 7.39 -1.04 -9.48
CA GLN B 123 7.56 -0.14 -10.62
C GLN B 123 6.21 0.52 -11.04
N ALA B 124 5.12 -0.26 -11.12
CA ALA B 124 3.81 0.34 -11.51
C ALA B 124 3.36 1.33 -10.44
N LEU B 125 3.58 0.98 -9.17
CA LEU B 125 3.34 1.97 -8.13
C LEU B 125 4.17 3.24 -8.36
N ALA B 126 5.48 3.08 -8.57
CA ALA B 126 6.37 4.22 -8.78
C ALA B 126 5.93 5.08 -9.95
N GLN B 127 5.59 4.46 -11.08
N GLN B 127 5.60 4.44 -11.09
CA GLN B 127 5.24 5.27 -12.25
CA GLN B 127 5.19 5.18 -12.29
C GLN B 127 3.89 5.99 -12.13
C GLN B 127 3.98 6.06 -11.98
N ALA B 128 3.03 5.52 -11.21
CA ALA B 128 1.78 6.22 -10.87
C ALA B 128 1.99 7.50 -10.05
N LEU B 129 3.08 7.53 -9.28
CA LEU B 129 3.36 8.60 -8.34
C LEU B 129 4.47 9.56 -8.81
N ARG B 130 4.90 9.39 -10.06
CA ARG B 130 5.93 10.24 -10.69
C ARG B 130 5.48 11.69 -10.78
N PRO B 131 6.45 12.60 -10.66
CA PRO B 131 6.19 14.00 -10.87
C PRO B 131 6.32 14.30 -12.36
C ACY C . 11.80 -15.31 -16.62
O ACY C . 11.93 -14.16 -16.17
OXT ACY C . 10.68 -15.85 -16.74
CH3 ACY C . 13.02 -16.09 -17.01
#